data_8FFF
#
_entry.id   8FFF
#
_cell.length_a   55.123
_cell.length_b   65.817
_cell.length_c   99.423
_cell.angle_alpha   90.00
_cell.angle_beta   90.00
_cell.angle_gamma   90.00
#
_symmetry.space_group_name_H-M   'P 2 21 21'
#
loop_
_entity.id
_entity.type
_entity.pdbx_description
1 polymer 'D-alanine--D-alanine ligase'
2 non-polymer 'ACETATE ION'
3 water water
#
_entity_poly.entity_id   1
_entity_poly.type   'polypeptide(L)'
_entity_poly.pdbx_seq_one_letter_code
;KENICIVFGGKSAEHEVSILTAQNVLNAIDKDKYHVDIIYITNDGDWRKQNNITAEIKSTDELHLENGEALEISQLLKES
SSGQPYDAVFPLLHGPNGEDGTIQGLFEVLDVPYVGNGVLSAASSMDKLVMKQLFEHRGLPQLPYISFLRSEYEKYEHNI
LKLVNDKLNYPVFVKPANLGSSVGISKCNNEAELKEGIKEAFQFDRKLVIEQGVNAREIEVAVLGNDYPEATWPGEVVKD
VAFYDYKSKYKDGKVQLQIPADLDEDVQLTLRNMALEAFKATDCSGLVRADFFVTEDNQIYINETNAMPGFTAFSMYPKL
WENMGLSYPELITKLIELAKERHQDKQKNKYKID
;
_entity_poly.pdbx_strand_id   A
#
# COMPACT_ATOMS: atom_id res chain seq x y z
N LYS A 1 -4.13 -13.25 27.16
CA LYS A 1 -4.46 -12.49 25.96
C LYS A 1 -3.32 -11.60 25.50
N GLU A 2 -3.20 -11.44 24.18
CA GLU A 2 -2.35 -10.44 23.56
C GLU A 2 -3.12 -9.13 23.42
N ASN A 3 -2.37 -8.04 23.21
CA ASN A 3 -2.92 -6.69 23.27
C ASN A 3 -2.68 -6.00 21.94
N ILE A 4 -3.78 -5.66 21.25
CA ILE A 4 -3.74 -5.14 19.89
C ILE A 4 -4.40 -3.77 19.87
N CYS A 5 -3.87 -2.88 19.03
CA CYS A 5 -4.46 -1.57 18.76
C CYS A 5 -4.54 -1.36 17.25
N ILE A 6 -5.75 -1.14 16.75
CA ILE A 6 -5.98 -0.84 15.34
C ILE A 6 -6.11 0.69 15.21
N VAL A 7 -5.27 1.28 14.35
CA VAL A 7 -5.36 2.71 14.04
C VAL A 7 -5.97 2.86 12.65
N PHE A 8 -7.04 3.64 12.54
CA PHE A 8 -7.80 3.73 11.29
C PHE A 8 -8.31 5.15 11.11
N GLY A 9 -8.83 5.44 9.91
CA GLY A 9 -9.24 6.80 9.55
C GLY A 9 -8.13 7.54 8.81
N GLY A 10 -7.71 8.68 9.33
CA GLY A 10 -6.58 9.41 8.79
C GLY A 10 -6.86 10.83 8.32
N LYS A 11 -5.89 11.72 8.44
CA LYS A 11 -6.03 13.11 8.00
C LYS A 11 -6.23 13.25 6.48
N GLU A 14 -10.34 11.09 3.37
CA GLU A 14 -11.61 10.36 3.29
C GLU A 14 -11.48 8.96 3.91
N HIS A 15 -12.49 8.59 4.68
CA HIS A 15 -12.37 7.56 5.68
C HIS A 15 -13.18 6.30 5.40
N GLU A 16 -14.12 6.36 4.48
CA GLU A 16 -15.15 5.34 4.52
C GLU A 16 -14.56 3.96 4.23
N VAL A 17 -13.52 3.88 3.42
CA VAL A 17 -12.87 2.58 3.19
C VAL A 17 -12.13 2.14 4.45
N SER A 18 -11.33 3.03 5.02
CA SER A 18 -10.60 2.74 6.25
C SER A 18 -11.54 2.31 7.37
N ILE A 19 -12.72 2.92 7.47
CA ILE A 19 -13.64 2.54 8.54
C ILE A 19 -14.25 1.17 8.24
N LEU A 20 -14.65 0.92 6.99
CA LEU A 20 -15.13 -0.40 6.63
C LEU A 20 -14.06 -1.46 6.87
N THR A 21 -12.81 -1.12 6.57
CA THR A 21 -11.72 -2.03 6.79
C THR A 21 -11.57 -2.34 8.27
N ALA A 22 -11.59 -1.30 9.11
CA ALA A 22 -11.40 -1.53 10.54
C ALA A 22 -12.54 -2.36 11.10
N GLN A 23 -13.76 -2.18 10.59
CA GLN A 23 -14.87 -3.07 10.96
C GLN A 23 -14.56 -4.51 10.60
N ASN A 24 -14.06 -4.75 9.39
CA ASN A 24 -13.76 -6.13 8.96
C ASN A 24 -12.65 -6.74 9.81
N VAL A 25 -11.57 -5.99 9.99
CA VAL A 25 -10.44 -6.52 10.77
C VAL A 25 -10.88 -6.79 12.21
N LEU A 26 -11.76 -5.95 12.74
CA LEU A 26 -12.22 -6.13 14.12
C LEU A 26 -13.08 -7.38 14.26
N ASN A 27 -14.02 -7.57 13.34
CA ASN A 27 -14.93 -8.70 13.44
C ASN A 27 -14.26 -10.02 13.11
N ALA A 28 -13.02 -9.99 12.63
CA ALA A 28 -12.28 -11.18 12.28
C ALA A 28 -11.18 -11.51 13.29
N ILE A 29 -11.15 -10.80 14.43
CA ILE A 29 -10.16 -11.01 15.48
C ILE A 29 -10.81 -11.75 16.64
N ASP A 30 -10.20 -12.85 17.06
CA ASP A 30 -10.76 -13.64 18.17
C ASP A 30 -10.65 -12.83 19.45
N LYS A 31 -11.78 -12.28 19.91
CA LYS A 31 -11.72 -11.51 21.15
C LYS A 31 -11.31 -12.37 22.35
N ASP A 32 -11.18 -13.69 22.17
CA ASP A 32 -10.70 -14.56 23.24
C ASP A 32 -9.19 -14.63 23.29
N LYS A 33 -8.53 -14.53 22.14
CA LYS A 33 -7.08 -14.51 22.02
C LYS A 33 -6.48 -13.10 22.17
N TYR A 34 -7.27 -12.04 21.92
CA TYR A 34 -6.74 -10.68 21.83
C TYR A 34 -7.59 -9.69 22.62
N HIS A 35 -6.91 -8.77 23.30
CA HIS A 35 -7.52 -7.56 23.84
C HIS A 35 -7.35 -6.43 22.83
N VAL A 36 -8.45 -5.89 22.31
CA VAL A 36 -8.39 -4.98 21.17
C VAL A 36 -8.89 -3.59 21.58
N ASP A 37 -8.00 -2.62 21.48
CA ASP A 37 -8.37 -1.20 21.44
C ASP A 37 -8.28 -0.74 19.99
N ILE A 38 -8.89 0.41 19.71
CA ILE A 38 -8.77 1.06 18.39
C ILE A 38 -8.60 2.55 18.61
N ILE A 39 -7.80 3.17 17.73
CA ILE A 39 -7.64 4.61 17.68
C ILE A 39 -8.09 5.10 16.30
N TYR A 40 -8.99 6.08 16.30
CA TYR A 40 -9.52 6.68 15.08
C TYR A 40 -8.88 8.05 14.87
N ILE A 41 -8.30 8.25 13.70
CA ILE A 41 -7.74 9.55 13.34
C ILE A 41 -8.76 10.29 12.48
N THR A 42 -9.30 11.40 12.99
CA THR A 42 -10.25 12.22 12.25
C THR A 42 -9.59 12.92 11.06
N ASN A 43 -10.43 13.40 10.13
CA ASN A 43 -9.89 14.23 9.05
C ASN A 43 -9.14 15.43 9.58
N ASP A 44 -9.56 15.96 10.73
CA ASP A 44 -8.80 17.02 11.38
C ASP A 44 -7.39 16.57 11.77
N GLY A 45 -7.16 15.27 11.95
CA GLY A 45 -5.92 14.78 12.49
C GLY A 45 -5.96 14.43 13.96
N ASP A 46 -7.08 14.67 14.64
CA ASP A 46 -7.21 14.37 16.06
C ASP A 46 -7.30 12.86 16.30
N TRP A 47 -6.66 12.39 17.37
CA TRP A 47 -6.65 10.99 17.75
C TRP A 47 -7.67 10.73 18.85
N ARG A 48 -8.59 9.81 18.61
CA ARG A 48 -9.64 9.46 19.56
C ARG A 48 -9.66 7.96 19.77
N LYS A 49 -9.49 7.54 21.03
CA LYS A 49 -9.34 6.13 21.35
C LYS A 49 -10.68 5.55 21.80
N GLN A 50 -10.90 4.28 21.46
CA GLN A 50 -12.03 3.50 21.95
C GLN A 50 -11.46 2.19 22.47
N ASN A 51 -11.83 1.86 23.70
CA ASN A 51 -11.19 0.81 24.48
C ASN A 51 -11.97 -0.50 24.39
N ASN A 52 -11.24 -1.60 24.23
CA ASN A 52 -11.74 -2.93 24.60
C ASN A 52 -12.98 -3.32 23.78
N ILE A 53 -12.76 -3.51 22.48
CA ILE A 53 -13.80 -4.11 21.66
C ILE A 53 -13.93 -5.57 22.07
N THR A 54 -15.18 -6.01 22.29
CA THR A 54 -15.45 -7.33 22.83
C THR A 54 -16.61 -8.04 22.13
N ALA A 55 -17.34 -7.36 21.26
CA ALA A 55 -18.42 -7.95 20.50
C ALA A 55 -18.19 -7.66 19.03
N GLU A 56 -19.04 -8.26 18.19
CA GLU A 56 -19.03 -7.93 16.78
C GLU A 56 -19.52 -6.50 16.55
N ILE A 57 -18.85 -5.78 15.66
CA ILE A 57 -19.26 -4.43 15.27
C ILE A 57 -20.24 -4.59 14.11
N LYS A 58 -21.53 -4.46 14.39
CA LYS A 58 -22.54 -4.73 13.36
C LYS A 58 -22.81 -3.52 12.49
N SER A 59 -22.61 -2.31 13.02
CA SER A 59 -22.76 -1.07 12.27
C SER A 59 -21.66 -0.10 12.70
N THR A 60 -21.32 0.83 11.81
CA THR A 60 -20.32 1.83 12.16
C THR A 60 -20.78 2.74 13.31
N ASP A 61 -22.09 2.84 13.58
CA ASP A 61 -22.56 3.60 14.74
C ASP A 61 -21.91 3.16 16.03
N GLU A 62 -21.63 1.86 16.17
CA GLU A 62 -21.00 1.34 17.38
C GLU A 62 -19.58 1.84 17.57
N LEU A 63 -18.98 2.43 16.54
CA LEU A 63 -17.63 2.94 16.66
C LEU A 63 -17.74 4.35 17.24
N HIS A 64 -16.93 4.64 18.25
CA HIS A 64 -17.00 5.97 18.86
C HIS A 64 -16.48 7.03 17.90
N LEU A 65 -15.58 6.66 16.99
CA LEU A 65 -15.03 7.54 15.97
C LEU A 65 -14.51 8.85 16.57
N GLU A 66 -15.07 9.99 16.17
CA GLU A 66 -14.54 11.28 16.60
C GLU A 66 -14.88 11.63 18.04
N ASN A 67 -15.81 10.89 18.66
CA ASN A 67 -16.21 11.12 20.05
C ASN A 67 -15.48 10.22 21.04
N GLY A 68 -14.52 9.43 20.55
CA GLY A 68 -13.64 8.65 21.40
C GLY A 68 -12.87 9.48 22.41
N GLU A 69 -11.97 8.85 23.12
CA GLU A 69 -11.37 9.49 24.28
C GLU A 69 -10.16 10.26 23.79
N ALA A 70 -10.12 11.56 24.09
CA ALA A 70 -9.24 12.50 23.38
C ALA A 70 -7.98 12.81 24.20
N LEU A 71 -7.15 11.80 24.43
CA LEU A 71 -5.90 12.01 25.14
C LEU A 71 -4.76 12.30 24.17
N GLU A 72 -3.63 12.72 24.73
CA GLU A 72 -2.45 12.97 23.92
C GLU A 72 -2.02 11.66 23.25
N ILE A 73 -1.54 11.80 22.02
CA ILE A 73 -1.16 10.64 21.21
C ILE A 73 -0.14 9.76 21.92
N SER A 74 0.75 10.38 22.71
CA SER A 74 1.73 9.62 23.47
C SER A 74 1.06 8.60 24.40
N GLN A 75 0.09 9.05 25.20
CA GLN A 75 -0.58 8.17 26.15
C GLN A 75 -1.51 7.18 25.46
N LEU A 76 -2.00 7.52 24.28
CA LEU A 76 -2.92 6.62 23.57
C LEU A 76 -2.20 5.34 23.15
N LEU A 77 -0.93 5.44 22.76
CA LEU A 77 -0.19 4.32 22.19
C LEU A 77 0.68 3.60 23.21
N LYS A 78 0.98 4.24 24.33
CA LYS A 78 1.90 3.63 25.28
C LYS A 78 1.27 2.44 26.00
N GLU A 79 -0.06 2.46 26.20
CA GLU A 79 -0.69 1.53 27.13
C GLU A 79 -2.04 1.06 26.61
N SER A 80 -2.21 -0.26 26.52
CA SER A 80 -3.52 -0.85 26.28
C SER A 80 -4.51 -0.46 27.37
N SER A 81 -5.80 -0.48 27.02
CA SER A 81 -6.85 -0.29 28.03
C SER A 81 -6.74 -1.33 29.14
N SER A 82 -6.20 -2.51 28.82
CA SER A 82 -5.97 -3.54 29.80
C SER A 82 -4.90 -3.16 30.83
N GLY A 83 -4.04 -2.18 30.54
CA GLY A 83 -2.96 -1.82 31.42
C GLY A 83 -1.60 -2.33 31.01
N GLN A 84 -1.53 -3.21 30.01
CA GLN A 84 -0.28 -3.71 29.45
C GLN A 84 0.13 -2.87 28.24
N PRO A 85 1.42 -2.87 27.90
CA PRO A 85 1.83 -2.33 26.61
C PRO A 85 1.33 -3.22 25.48
N TYR A 86 1.15 -2.62 24.31
CA TYR A 86 0.60 -3.35 23.17
C TYR A 86 1.61 -4.36 22.65
N ASP A 87 1.09 -5.49 22.17
CA ASP A 87 1.93 -6.46 21.47
C ASP A 87 2.09 -6.13 19.98
N ALA A 88 1.07 -5.53 19.38
CA ALA A 88 1.19 -5.06 18.01
C ALA A 88 0.18 -3.95 17.76
N VAL A 89 0.57 -2.98 16.95
CA VAL A 89 -0.31 -1.94 16.48
C VAL A 89 -0.47 -2.14 14.98
N PHE A 90 -1.69 -1.99 14.48
CA PHE A 90 -2.06 -2.39 13.12
C PHE A 90 -2.51 -1.11 12.41
N PRO A 91 -1.70 -0.47 11.58
CA PRO A 91 -2.16 0.75 10.91
C PRO A 91 -3.00 0.41 9.69
N LEU A 92 -4.23 0.92 9.67
CA LEU A 92 -5.14 0.75 8.53
C LEU A 92 -5.52 2.12 7.99
N LEU A 93 -4.54 2.98 7.77
CA LEU A 93 -4.79 4.38 7.50
C LEU A 93 -4.92 4.68 6.01
N HIS A 94 -5.80 5.65 5.70
CA HIS A 94 -6.04 6.11 4.33
C HIS A 94 -5.60 7.55 4.12
N GLY A 95 -4.93 8.17 5.08
CA GLY A 95 -4.28 9.44 4.83
C GLY A 95 -2.98 9.27 4.07
N PRO A 96 -2.41 10.39 3.64
CA PRO A 96 -1.01 10.36 3.21
C PRO A 96 -0.15 9.79 4.32
N ASN A 97 -0.35 10.31 5.54
CA ASN A 97 0.33 9.79 6.75
C ASN A 97 0.05 8.28 6.92
N GLY A 98 -0.79 7.71 6.06
CA GLY A 98 -1.01 6.28 6.07
C GLY A 98 0.19 5.51 5.56
N GLU A 99 0.43 5.56 4.24
CA GLU A 99 1.55 4.84 3.67
C GLU A 99 2.56 5.78 2.99
N ASP A 100 3.06 6.78 3.73
CA ASP A 100 4.26 7.50 3.34
C ASP A 100 5.39 7.33 4.36
N GLY A 101 5.25 6.40 5.30
CA GLY A 101 6.26 6.16 6.32
C GLY A 101 6.17 7.06 7.54
N THR A 102 5.23 8.02 7.57
CA THR A 102 5.23 8.99 8.67
C THR A 102 4.70 8.38 9.96
N ILE A 103 3.57 7.65 9.91
CA ILE A 103 3.05 7.01 11.12
C ILE A 103 4.01 5.95 11.60
N GLN A 104 4.68 5.25 10.66
CA GLN A 104 5.66 4.25 11.04
C GLN A 104 6.82 4.91 11.79
N GLY A 105 7.18 6.12 11.38
CA GLY A 105 8.24 6.84 12.10
C GLY A 105 7.83 7.18 13.52
N LEU A 106 6.63 7.75 13.68
CA LEU A 106 6.02 7.89 14.99
C LEU A 106 6.11 6.58 15.79
N PHE A 107 5.70 5.46 15.19
CA PHE A 107 5.68 4.20 15.94
C PHE A 107 7.08 3.83 16.45
N GLU A 108 8.11 4.04 15.61
CA GLU A 108 9.49 3.74 16.00
C GLU A 108 9.96 4.68 17.11
N VAL A 109 9.66 5.97 17.00
CA VAL A 109 10.06 6.91 18.04
C VAL A 109 9.45 6.50 19.38
N LEU A 110 8.19 6.08 19.37
CA LEU A 110 7.51 5.62 20.57
C LEU A 110 7.85 4.18 20.93
N ASP A 111 8.68 3.50 20.12
CA ASP A 111 9.11 2.13 20.38
C ASP A 111 7.91 1.18 20.52
N VAL A 112 6.99 1.33 19.58
CA VAL A 112 5.72 0.59 19.56
C VAL A 112 5.83 -0.46 18.46
N PRO A 113 5.64 -1.75 18.75
CA PRO A 113 5.65 -2.74 17.67
C PRO A 113 4.46 -2.54 16.75
N TYR A 114 4.67 -2.81 15.45
CA TYR A 114 3.63 -2.43 14.50
C TYR A 114 3.65 -3.33 13.28
N VAL A 115 2.46 -3.48 12.67
CA VAL A 115 2.26 -4.34 11.52
C VAL A 115 2.75 -3.63 10.25
N GLY A 116 3.30 -4.43 9.33
CA GLY A 116 3.49 -3.97 7.97
C GLY A 116 4.86 -3.38 7.73
N ASN A 117 4.92 -2.57 6.67
CA ASN A 117 6.19 -2.02 6.21
C ASN A 117 6.74 -0.96 7.17
N GLY A 118 8.07 -0.85 7.19
CA GLY A 118 8.77 0.16 7.95
C GLY A 118 8.84 1.52 7.24
N VAL A 119 9.58 2.44 7.86
CA VAL A 119 9.68 3.82 7.38
C VAL A 119 10.20 3.86 5.95
N LEU A 120 11.40 3.32 5.73
CA LEU A 120 12.05 3.43 4.42
C LEU A 120 11.24 2.70 3.37
N SER A 121 10.69 1.55 3.74
CA SER A 121 9.91 0.76 2.80
C SER A 121 8.62 1.46 2.37
N ALA A 122 7.88 2.00 3.33
CA ALA A 122 6.63 2.69 3.00
C ALA A 122 6.91 3.94 2.20
N ALA A 123 7.88 4.73 2.64
CA ALA A 123 8.21 5.98 1.98
C ALA A 123 8.67 5.74 0.55
N SER A 124 9.45 4.69 0.32
CA SER A 124 9.99 4.52 -1.02
C SER A 124 8.99 3.86 -1.96
N SER A 125 7.99 3.16 -1.43
CA SER A 125 6.91 2.68 -2.28
C SER A 125 5.92 3.76 -2.61
N MET A 126 5.95 4.89 -1.90
CA MET A 126 4.98 6.00 -2.15
C MET A 126 5.57 6.99 -3.16
N ASP A 127 6.88 7.08 -3.24
CA ASP A 127 7.52 7.94 -4.22
C ASP A 127 7.74 7.08 -5.46
N LYS A 128 7.05 7.41 -6.54
CA LYS A 128 7.08 6.56 -7.72
C LYS A 128 8.42 6.58 -8.43
N LEU A 129 9.19 7.66 -8.26
CA LEU A 129 10.51 7.69 -8.86
C LEU A 129 11.47 6.78 -8.11
N VAL A 130 11.51 6.87 -6.77
CA VAL A 130 12.39 5.99 -6.02
C VAL A 130 11.99 4.53 -6.23
N MET A 131 10.69 4.25 -6.29
CA MET A 131 10.24 2.88 -6.43
C MET A 131 10.73 2.28 -7.74
N LYS A 132 10.60 3.04 -8.83
CA LYS A 132 11.07 2.53 -10.11
C LYS A 132 12.60 2.40 -10.12
N GLN A 133 13.30 3.35 -9.52
CA GLN A 133 14.76 3.28 -9.45
C GLN A 133 15.23 2.03 -8.71
N LEU A 134 14.52 1.64 -7.66
CA LEU A 134 14.83 0.42 -6.93
C LEU A 134 14.46 -0.81 -7.77
N PHE A 135 13.31 -0.77 -8.44
CA PHE A 135 12.92 -1.88 -9.31
C PHE A 135 13.95 -2.06 -10.42
N GLU A 136 14.41 -0.96 -11.01
CA GLU A 136 15.39 -1.04 -12.07
C GLU A 136 16.68 -1.69 -11.58
N HIS A 137 17.21 -1.22 -10.44
CA HIS A 137 18.46 -1.80 -9.94
C HIS A 137 18.33 -3.31 -9.69
N ARG A 138 17.13 -3.78 -9.40
CA ARG A 138 16.85 -5.18 -9.12
C ARG A 138 16.61 -6.01 -10.37
N GLY A 139 16.43 -5.37 -11.53
CA GLY A 139 16.24 -6.07 -12.79
C GLY A 139 14.82 -6.43 -13.13
N LEU A 140 13.84 -5.88 -12.41
CA LEU A 140 12.46 -6.16 -12.78
C LEU A 140 12.08 -5.35 -14.01
N PRO A 141 11.33 -5.92 -14.93
CA PRO A 141 11.01 -5.20 -16.18
C PRO A 141 9.95 -4.13 -15.90
N GLN A 142 10.17 -2.94 -16.42
CA GLN A 142 9.22 -1.84 -16.31
C GLN A 142 9.09 -1.14 -17.65
N LEU A 143 7.99 -0.42 -17.79
CA LEU A 143 7.79 0.40 -18.96
C LEU A 143 8.87 1.47 -19.03
N PRO A 144 9.34 1.82 -20.23
CA PRO A 144 10.32 2.90 -20.34
C PRO A 144 9.77 4.19 -19.71
N TYR A 145 10.64 4.89 -18.98
CA TYR A 145 10.19 6.04 -18.21
C TYR A 145 11.30 7.06 -18.03
N ILE A 146 10.87 8.30 -17.78
CA ILE A 146 11.68 9.50 -17.57
C ILE A 146 11.24 10.10 -16.24
N SER A 147 12.06 11.00 -15.70
CA SER A 147 11.65 11.74 -14.50
C SER A 147 12.49 13.00 -14.39
N PHE A 148 11.95 13.98 -13.66
CA PHE A 148 12.66 15.24 -13.45
C PHE A 148 11.96 16.02 -12.35
N LEU A 149 12.72 16.95 -11.77
CA LEU A 149 12.19 17.89 -10.80
C LEU A 149 11.69 19.14 -11.54
N ARG A 150 10.79 19.87 -10.87
CA ARG A 150 10.32 21.13 -11.44
C ARG A 150 11.48 22.06 -11.79
N SER A 151 12.48 22.14 -10.90
CA SER A 151 13.65 23.00 -11.14
C SER A 151 14.33 22.68 -12.47
N GLU A 152 14.41 21.39 -12.79
CA GLU A 152 15.06 20.98 -14.04
C GLU A 152 14.21 21.34 -15.26
N TYR A 153 12.89 21.15 -15.17
CA TYR A 153 12.00 21.50 -16.27
C TYR A 153 11.94 23.00 -16.51
N GLU A 154 12.05 23.83 -15.45
CA GLU A 154 12.05 25.29 -15.62
C GLU A 154 13.22 25.73 -16.49
N LYS A 155 14.31 24.97 -16.51
CA LYS A 155 15.50 25.32 -17.28
C LYS A 155 15.63 24.53 -18.57
N TYR A 156 15.09 23.30 -18.62
CA TYR A 156 15.40 22.36 -19.69
C TYR A 156 14.14 21.79 -20.35
N GLU A 157 13.04 22.55 -20.33
CA GLU A 157 11.80 22.17 -21.00
C GLU A 157 12.02 21.56 -22.38
N HIS A 158 12.56 22.36 -23.31
CA HIS A 158 12.81 21.88 -24.67
C HIS A 158 13.62 20.60 -24.67
N ASN A 159 14.64 20.52 -23.83
CA ASN A 159 15.59 19.43 -23.87
C ASN A 159 15.02 18.16 -23.24
N ILE A 160 14.14 18.32 -22.25
CA ILE A 160 13.52 17.16 -21.61
C ILE A 160 12.48 16.52 -22.53
N LEU A 161 11.75 17.34 -23.28
CA LEU A 161 10.77 16.82 -24.23
C LEU A 161 11.44 15.97 -25.30
N LYS A 162 12.66 16.30 -25.70
CA LYS A 162 13.32 15.50 -26.72
C LYS A 162 13.62 14.11 -26.18
N LEU A 163 14.23 14.03 -24.99
CA LEU A 163 14.48 12.76 -24.32
C LEU A 163 13.22 11.90 -24.24
N VAL A 164 12.06 12.52 -24.09
CA VAL A 164 10.81 11.78 -24.06
C VAL A 164 10.58 11.07 -25.38
N ASN A 165 10.62 11.84 -26.48
CA ASN A 165 10.34 11.28 -27.79
C ASN A 165 11.41 10.30 -28.25
N ASP A 166 12.63 10.38 -27.72
CA ASP A 166 13.64 9.40 -28.13
C ASP A 166 13.52 8.10 -27.37
N LYS A 167 13.37 8.17 -26.04
CA LYS A 167 13.34 6.95 -25.24
C LYS A 167 11.95 6.31 -25.18
N LEU A 168 10.87 7.09 -25.21
CA LEU A 168 9.54 6.55 -25.06
C LEU A 168 8.80 6.55 -26.40
N ASN A 169 7.64 5.89 -26.44
CA ASN A 169 6.73 5.97 -27.57
C ASN A 169 5.36 6.46 -27.10
N TYR A 170 4.86 7.52 -27.74
CA TYR A 170 3.53 8.03 -27.44
C TYR A 170 2.46 6.98 -27.74
N PRO A 171 1.37 6.95 -26.96
CA PRO A 171 1.09 7.85 -25.84
C PRO A 171 1.88 7.59 -24.55
N VAL A 172 2.05 8.64 -23.74
CA VAL A 172 2.74 8.55 -22.46
C VAL A 172 1.78 9.04 -21.38
N PHE A 173 2.09 8.69 -20.13
CA PHE A 173 1.37 9.17 -18.97
C PHE A 173 2.26 10.11 -18.15
N VAL A 174 1.71 11.25 -17.75
CA VAL A 174 2.37 12.15 -16.81
C VAL A 174 1.91 11.77 -15.43
N LYS A 175 2.85 11.55 -14.50
CA LYS A 175 2.49 11.05 -13.17
C LYS A 175 3.24 11.84 -12.09
N PRO A 176 2.54 12.52 -11.19
CA PRO A 176 3.22 13.09 -10.02
C PRO A 176 3.90 11.99 -9.22
N ALA A 177 5.11 12.28 -8.74
CA ALA A 177 5.92 11.24 -8.12
C ALA A 177 5.39 10.87 -6.74
N ASN A 178 4.93 11.86 -5.97
CA ASN A 178 4.73 11.72 -4.53
C ASN A 178 3.27 11.67 -4.10
N LEU A 179 2.32 11.49 -5.00
CA LEU A 179 0.92 11.45 -4.59
C LEU A 179 0.45 10.02 -4.43
N GLY A 180 -0.53 9.83 -3.54
CA GLY A 180 -1.24 8.58 -3.42
C GLY A 180 -2.53 8.56 -4.19
N SER A 181 -2.80 9.62 -4.96
CA SER A 181 -4.07 9.86 -5.60
C SER A 181 -3.87 10.02 -7.10
N SER A 182 -4.95 9.85 -7.84
CA SER A 182 -4.88 10.07 -9.28
C SER A 182 -4.83 11.58 -9.66
N VAL A 183 -4.67 12.44 -8.66
CA VAL A 183 -4.70 13.88 -8.88
C VAL A 183 -3.49 14.28 -9.73
N GLY A 184 -3.75 14.74 -10.94
CA GLY A 184 -2.71 15.26 -11.79
C GLY A 184 -2.12 14.29 -12.80
N ILE A 185 -2.62 13.05 -12.85
CA ILE A 185 -2.21 12.12 -13.89
C ILE A 185 -2.96 12.43 -15.18
N SER A 186 -2.28 12.32 -16.31
CA SER A 186 -3.00 12.43 -17.57
C SER A 186 -2.28 11.62 -18.63
N LYS A 187 -3.03 11.18 -19.63
CA LYS A 187 -2.53 10.44 -20.78
C LYS A 187 -2.40 11.41 -21.96
N CYS A 188 -1.22 11.45 -22.58
CA CYS A 188 -0.90 12.44 -23.62
C CYS A 188 -0.48 11.76 -24.91
N ASN A 189 -1.07 12.16 -26.05
CA ASN A 189 -0.69 11.53 -27.31
C ASN A 189 0.40 12.27 -28.08
N ASN A 190 0.84 13.43 -27.62
CA ASN A 190 1.90 14.16 -28.31
C ASN A 190 2.49 15.21 -27.37
N GLU A 191 3.59 15.84 -27.82
CA GLU A 191 4.23 16.92 -27.06
C GLU A 191 3.23 17.97 -26.61
N ALA A 192 2.39 18.43 -27.53
CA ALA A 192 1.40 19.45 -27.20
C ALA A 192 0.61 19.04 -25.96
N GLU A 193 0.07 17.82 -25.96
CA GLU A 193 -0.62 17.34 -24.75
C GLU A 193 0.35 17.09 -23.60
N LEU A 194 1.52 16.53 -23.89
CA LEU A 194 2.54 16.28 -22.86
C LEU A 194 2.88 17.55 -22.08
N LYS A 195 3.23 18.62 -22.80
CA LYS A 195 3.57 19.92 -22.17
C LYS A 195 2.40 20.39 -21.31
N GLU A 196 1.19 20.45 -21.87
CA GLU A 196 0.02 20.80 -21.08
C GLU A 196 -0.10 19.89 -19.85
N GLY A 197 0.13 18.59 -20.03
CA GLY A 197 0.06 17.66 -18.91
C GLY A 197 1.12 17.93 -17.86
N ILE A 198 2.35 18.24 -18.28
CA ILE A 198 3.44 18.47 -17.33
C ILE A 198 3.15 19.72 -16.50
N LYS A 199 2.81 20.82 -17.18
CA LYS A 199 2.38 22.02 -16.49
C LYS A 199 1.28 21.73 -15.51
N GLU A 200 0.35 20.87 -15.92
CA GLU A 200 -0.84 20.60 -15.13
C GLU A 200 -0.51 19.81 -13.87
N ALA A 201 0.47 18.90 -13.94
CA ALA A 201 0.85 18.13 -12.76
C ALA A 201 1.73 18.91 -11.78
N PHE A 202 2.41 19.97 -12.25
CA PHE A 202 3.28 20.71 -11.34
C PHE A 202 2.52 21.56 -10.35
N GLN A 203 1.20 21.78 -10.56
CA GLN A 203 0.38 22.42 -9.54
C GLN A 203 0.27 21.59 -8.27
N PHE A 204 0.50 20.26 -8.37
CA PHE A 204 0.27 19.36 -7.26
C PHE A 204 1.55 18.69 -6.76
N ASP A 205 2.66 18.80 -7.47
CA ASP A 205 3.89 18.12 -7.08
C ASP A 205 5.10 18.87 -7.67
N ARG A 206 6.27 18.61 -7.10
CA ARG A 206 7.53 19.19 -7.56
C ARG A 206 8.39 18.20 -8.38
N LYS A 207 7.97 16.94 -8.51
CA LYS A 207 8.72 15.89 -9.18
C LYS A 207 7.77 15.02 -9.99
N LEU A 208 8.15 14.68 -11.23
CA LEU A 208 7.26 14.01 -12.16
C LEU A 208 7.91 12.76 -12.74
N VAL A 209 7.08 11.76 -13.05
CA VAL A 209 7.50 10.63 -13.88
C VAL A 209 6.69 10.65 -15.18
N ILE A 210 7.36 10.50 -16.32
CA ILE A 210 6.70 10.31 -17.61
C ILE A 210 6.89 8.86 -18.02
N GLU A 211 5.80 8.20 -18.35
CA GLU A 211 5.77 6.75 -18.45
C GLU A 211 5.16 6.35 -19.78
N GLN A 212 5.78 5.37 -20.44
CA GLN A 212 5.26 4.91 -21.71
C GLN A 212 3.96 4.14 -21.47
N GLY A 213 2.92 4.44 -22.24
CA GLY A 213 1.65 3.74 -22.05
C GLY A 213 1.68 2.32 -22.59
N VAL A 214 0.94 1.43 -21.91
CA VAL A 214 0.57 0.13 -22.45
C VAL A 214 -0.91 -0.12 -22.22
N ASN A 215 -1.46 -0.97 -23.06
CA ASN A 215 -2.74 -1.59 -22.82
C ASN A 215 -2.47 -3.01 -22.34
N ALA A 216 -2.97 -3.34 -21.17
CA ALA A 216 -2.58 -4.59 -20.58
C ALA A 216 -3.58 -4.96 -19.52
N ARG A 217 -3.55 -6.24 -19.16
CA ARG A 217 -4.28 -6.74 -18.02
C ARG A 217 -3.58 -6.33 -16.73
N GLU A 218 -4.37 -6.06 -15.69
CA GLU A 218 -3.82 -5.77 -14.37
C GLU A 218 -3.87 -7.03 -13.53
N ILE A 219 -2.69 -7.45 -13.07
CA ILE A 219 -2.49 -8.71 -12.36
C ILE A 219 -1.81 -8.36 -11.04
N GLU A 220 -2.35 -8.87 -9.93
CA GLU A 220 -1.86 -8.56 -8.60
C GLU A 220 -1.45 -9.86 -7.89
N VAL A 221 -0.33 -9.79 -7.15
CA VAL A 221 0.19 -10.88 -6.34
C VAL A 221 0.37 -10.39 -4.90
N ALA A 222 -0.06 -11.20 -3.93
CA ALA A 222 0.06 -10.83 -2.52
C ALA A 222 1.31 -11.49 -1.94
N VAL A 223 2.10 -10.71 -1.20
CA VAL A 223 3.31 -11.21 -0.54
C VAL A 223 3.17 -11.01 0.97
N LEU A 224 3.63 -12.00 1.74
CA LEU A 224 3.48 -12.01 3.19
C LEU A 224 4.74 -12.60 3.80
N GLY A 225 5.28 -11.94 4.83
CA GLY A 225 6.48 -12.42 5.47
C GLY A 225 7.41 -11.31 5.87
N ASN A 226 8.57 -11.67 6.40
CA ASN A 226 9.60 -10.70 6.77
C ASN A 226 10.87 -11.05 6.02
N ASP A 227 11.64 -11.99 6.55
CA ASP A 227 12.91 -12.39 5.96
C ASP A 227 12.75 -13.51 4.95
N TYR A 228 11.69 -14.31 5.04
CA TYR A 228 11.48 -15.45 4.14
C TYR A 228 10.07 -15.36 3.60
N PRO A 229 9.78 -14.34 2.79
CA PRO A 229 8.40 -14.07 2.37
C PRO A 229 7.90 -15.09 1.37
N GLU A 230 6.58 -15.22 1.32
CA GLU A 230 5.90 -16.09 0.37
C GLU A 230 4.90 -15.27 -0.46
N ALA A 231 4.76 -15.64 -1.74
CA ALA A 231 3.86 -14.96 -2.68
C ALA A 231 2.72 -15.89 -3.11
N THR A 232 1.53 -15.33 -3.25
CA THR A 232 0.37 -16.09 -3.70
C THR A 232 0.39 -16.28 -5.20
N TRP A 233 -0.46 -17.18 -5.67
CA TRP A 233 -0.89 -17.17 -7.05
C TRP A 233 -1.49 -15.80 -7.40
N PRO A 234 -1.32 -15.34 -8.62
CA PRO A 234 -1.84 -14.02 -9.00
C PRO A 234 -3.34 -14.00 -9.15
N GLY A 235 -3.89 -12.78 -9.07
CA GLY A 235 -5.30 -12.56 -9.27
C GLY A 235 -5.49 -11.38 -10.21
N GLU A 236 -6.72 -11.26 -10.71
CA GLU A 236 -7.05 -10.29 -11.73
C GLU A 236 -8.41 -9.65 -11.46
N VAL A 237 -8.45 -8.33 -11.54
CA VAL A 237 -9.71 -7.61 -11.65
C VAL A 237 -10.18 -7.63 -13.10
N VAL A 238 -11.16 -8.46 -13.38
CA VAL A 238 -11.48 -8.76 -14.77
C VAL A 238 -12.25 -7.60 -15.40
N LYS A 239 -11.79 -7.19 -16.59
CA LYS A 239 -12.18 -5.97 -17.26
C LYS A 239 -12.09 -6.20 -18.77
N ASP A 240 -13.22 -6.12 -19.49
CA ASP A 240 -13.09 -6.41 -20.92
C ASP A 240 -12.31 -5.33 -21.66
N VAL A 241 -12.07 -4.18 -21.06
CA VAL A 241 -11.46 -3.07 -21.79
C VAL A 241 -10.43 -2.44 -20.88
N ALA A 242 -9.18 -2.39 -21.35
CA ALA A 242 -8.13 -1.72 -20.59
C ALA A 242 -8.22 -0.22 -20.85
N PHE A 243 -8.38 0.54 -19.78
CA PHE A 243 -8.31 1.99 -19.80
C PHE A 243 -7.97 2.44 -18.38
N TYR A 244 -7.39 3.64 -18.29
CA TYR A 244 -7.12 4.25 -16.97
C TYR A 244 -8.42 4.95 -16.58
N ASP A 245 -9.08 4.48 -15.54
CA ASP A 245 -10.42 5.02 -15.22
C ASP A 245 -10.32 6.28 -14.38
N TYR A 246 -9.35 6.36 -13.47
CA TYR A 246 -9.26 7.51 -12.55
C TYR A 246 -10.31 7.34 -11.45
N LYS A 247 -11.03 6.22 -11.47
CA LYS A 247 -12.01 5.89 -10.41
C LYS A 247 -13.15 6.91 -10.40
N LYS A 249 -12.91 2.87 -9.33
CA LYS A 249 -14.09 1.96 -9.31
C LYS A 249 -15.37 2.76 -9.58
N TYR A 250 -16.03 2.50 -10.70
CA TYR A 250 -17.30 3.17 -11.03
C TYR A 250 -18.43 2.16 -10.96
N LYS A 251 -18.12 0.90 -11.23
CA LYS A 251 -19.25 -0.05 -11.33
C LYS A 251 -19.82 -0.31 -9.92
N ASP A 252 -21.14 -0.46 -9.85
CA ASP A 252 -21.80 -0.72 -8.57
C ASP A 252 -21.52 -2.15 -8.09
N GLY A 253 -21.68 -2.35 -6.80
CA GLY A 253 -21.57 -3.68 -6.25
C GLY A 253 -20.14 -4.13 -6.03
N LYS A 254 -19.99 -5.45 -5.83
CA LYS A 254 -18.70 -6.04 -5.56
C LYS A 254 -17.79 -5.96 -6.78
N VAL A 255 -16.49 -5.80 -6.54
CA VAL A 255 -15.51 -5.91 -7.61
C VAL A 255 -15.48 -7.37 -8.07
N GLN A 256 -15.07 -7.59 -9.30
CA GLN A 256 -15.11 -8.94 -9.86
C GLN A 256 -13.68 -9.46 -9.97
N LEU A 257 -13.32 -10.30 -9.02
CA LEU A 257 -11.99 -10.90 -8.98
C LEU A 257 -12.01 -12.23 -9.70
N GLN A 258 -10.90 -12.56 -10.35
CA GLN A 258 -10.66 -13.90 -10.82
C GLN A 258 -9.39 -14.37 -10.13
N ILE A 259 -9.54 -15.32 -9.20
CA ILE A 259 -8.43 -15.83 -8.41
C ILE A 259 -8.48 -17.36 -8.44
N PRO A 260 -7.47 -18.05 -8.97
CA PRO A 260 -6.28 -17.48 -9.62
C PRO A 260 -6.64 -16.82 -10.97
N ALA A 261 -5.74 -15.97 -11.47
CA ALA A 261 -5.96 -15.32 -12.75
C ALA A 261 -5.82 -16.33 -13.88
N ASP A 262 -6.60 -16.13 -14.94
CA ASP A 262 -6.55 -16.99 -16.12
C ASP A 262 -5.28 -16.69 -16.90
N LEU A 263 -4.18 -17.25 -16.40
CA LEU A 263 -2.89 -17.10 -17.04
C LEU A 263 -2.21 -18.46 -17.09
N ASP A 264 -1.39 -18.66 -18.12
CA ASP A 264 -0.60 -19.88 -18.21
C ASP A 264 0.11 -20.15 -16.90
N GLU A 265 0.28 -21.44 -16.57
CA GLU A 265 0.91 -21.79 -15.30
C GLU A 265 2.34 -21.29 -15.23
N ASP A 266 3.06 -21.23 -16.35
CA ASP A 266 4.42 -20.69 -16.29
C ASP A 266 4.41 -19.20 -15.97
N VAL A 267 3.51 -18.44 -16.60
CA VAL A 267 3.44 -16.99 -16.37
C VAL A 267 3.10 -16.68 -14.92
N GLN A 268 2.18 -17.46 -14.33
CA GLN A 268 1.88 -17.30 -12.91
C GLN A 268 3.12 -17.47 -12.05
N LEU A 269 3.94 -18.49 -12.33
CA LEU A 269 5.14 -18.74 -11.52
C LEU A 269 6.13 -17.60 -11.66
N THR A 270 6.32 -17.10 -12.88
CA THR A 270 7.15 -15.92 -13.10
C THR A 270 6.66 -14.72 -12.27
N LEU A 271 5.35 -14.50 -12.22
CA LEU A 271 4.81 -13.36 -11.48
C LEU A 271 5.00 -13.53 -9.97
N ARG A 272 4.80 -14.76 -9.46
CA ARG A 272 5.06 -15.01 -8.04
C ARG A 272 6.50 -14.68 -7.69
N ASN A 273 7.44 -15.09 -8.53
CA ASN A 273 8.84 -14.81 -8.24
C ASN A 273 9.18 -13.33 -8.42
N MET A 274 8.58 -12.67 -9.41
CA MET A 274 8.79 -11.23 -9.53
C MET A 274 8.26 -10.49 -8.32
N ALA A 275 7.11 -10.90 -7.80
CA ALA A 275 6.54 -10.29 -6.61
C ALA A 275 7.51 -10.32 -5.43
N LEU A 276 8.21 -11.46 -5.24
CA LEU A 276 9.19 -11.55 -4.16
C LEU A 276 10.35 -10.59 -4.39
N GLU A 277 10.82 -10.52 -5.65
CA GLU A 277 11.89 -9.58 -5.99
C GLU A 277 11.46 -8.13 -5.69
N ALA A 278 10.21 -7.78 -6.01
CA ALA A 278 9.72 -6.43 -5.77
C ALA A 278 9.63 -6.12 -4.28
N PHE A 279 9.26 -7.12 -3.49
CA PHE A 279 9.27 -7.02 -2.02
C PHE A 279 10.69 -6.75 -1.51
N LYS A 280 11.67 -7.48 -2.04
CA LYS A 280 13.04 -7.30 -1.59
C LYS A 280 13.64 -5.99 -2.11
N ALA A 281 13.20 -5.53 -3.29
CA ALA A 281 13.79 -4.35 -3.90
C ALA A 281 13.49 -3.08 -3.09
N THR A 282 12.36 -3.03 -2.38
CA THR A 282 12.09 -1.93 -1.47
C THR A 282 12.25 -2.31 0.00
N ASP A 283 12.86 -3.48 0.29
CA ASP A 283 13.16 -3.92 1.67
C ASP A 283 11.91 -3.93 2.55
N CYS A 284 10.87 -4.54 2.01
CA CYS A 284 9.58 -4.61 2.68
C CYS A 284 9.64 -5.46 3.95
N SER A 285 8.61 -5.28 4.79
CA SER A 285 8.35 -6.04 6.00
C SER A 285 6.85 -6.32 6.08
N GLY A 286 6.49 -7.49 6.59
CA GLY A 286 5.08 -7.76 6.78
C GLY A 286 4.33 -8.19 5.52
N LEU A 287 4.20 -7.28 4.54
CA LEU A 287 3.36 -7.57 3.38
C LEU A 287 3.68 -6.57 2.26
N VAL A 288 3.33 -6.95 1.03
CA VAL A 288 3.17 -5.98 -0.04
C VAL A 288 2.25 -6.64 -1.06
N ARG A 289 1.57 -5.81 -1.86
CA ARG A 289 0.92 -6.28 -3.08
C ARG A 289 1.72 -5.81 -4.26
N ALA A 290 2.11 -6.74 -5.13
CA ALA A 290 2.81 -6.43 -6.37
C ALA A 290 1.78 -6.35 -7.50
N ASP A 291 1.71 -5.18 -8.15
CA ASP A 291 0.75 -4.96 -9.24
C ASP A 291 1.48 -4.98 -10.58
N PHE A 292 1.03 -5.83 -11.50
CA PHE A 292 1.69 -5.99 -12.80
C PHE A 292 0.80 -5.59 -13.98
N PHE A 293 1.46 -5.24 -15.08
CA PHE A 293 0.83 -5.17 -16.39
C PHE A 293 1.21 -6.44 -17.13
N VAL A 294 0.22 -7.17 -17.63
CA VAL A 294 0.48 -8.36 -18.43
C VAL A 294 -0.35 -8.22 -19.70
N THR A 295 0.33 -8.06 -20.84
CA THR A 295 -0.36 -7.92 -22.12
C THR A 295 -0.95 -9.25 -22.55
N GLU A 296 -1.77 -9.18 -23.60
CA GLU A 296 -2.45 -10.36 -24.12
C GLU A 296 -1.47 -11.35 -24.72
N ASP A 297 -0.29 -10.88 -25.13
CA ASP A 297 0.81 -11.74 -25.54
C ASP A 297 1.77 -12.03 -24.37
N ASN A 298 1.29 -11.96 -23.12
CA ASN A 298 1.97 -12.47 -21.93
C ASN A 298 3.29 -11.78 -21.66
N GLN A 299 3.50 -10.59 -22.21
CA GLN A 299 4.62 -9.76 -21.80
C GLN A 299 4.33 -9.14 -20.44
N ILE A 300 5.35 -9.14 -19.56
CA ILE A 300 5.18 -8.76 -18.15
C ILE A 300 5.95 -7.46 -17.85
N TYR A 301 5.29 -6.55 -17.16
CA TYR A 301 5.95 -5.41 -16.54
C TYR A 301 5.43 -5.27 -15.12
N ILE A 302 6.29 -4.86 -14.20
CA ILE A 302 5.80 -4.52 -12.86
C ILE A 302 5.35 -3.07 -12.91
N ASN A 303 4.16 -2.81 -12.37
CA ASN A 303 3.60 -1.48 -12.38
C ASN A 303 3.99 -0.75 -11.10
N GLU A 304 3.54 -1.25 -9.95
CA GLU A 304 3.94 -0.67 -8.68
C GLU A 304 3.75 -1.69 -7.56
N THR A 305 4.38 -1.41 -6.44
CA THR A 305 4.01 -2.08 -5.20
C THR A 305 3.11 -1.16 -4.37
N ASN A 306 2.36 -1.80 -3.49
CA ASN A 306 1.40 -1.18 -2.58
C ASN A 306 1.74 -1.69 -1.17
N ALA A 307 2.28 -0.80 -0.34
CA ALA A 307 2.78 -1.17 0.98
C ALA A 307 1.67 -1.43 1.98
N MET A 308 0.54 -0.70 1.93
CA MET A 308 -0.66 -1.17 2.63
C MET A 308 -1.82 -1.30 1.66
N PRO A 309 -2.02 -2.50 1.12
CA PRO A 309 -3.06 -2.72 0.10
C PRO A 309 -4.44 -2.73 0.71
N GLY A 310 -5.43 -2.67 -0.16
CA GLY A 310 -6.82 -2.85 0.24
C GLY A 310 -6.97 -4.08 1.11
N PHE A 311 -7.68 -3.94 2.25
CA PHE A 311 -7.63 -5.01 3.23
C PHE A 311 -9.01 -5.35 3.81
N THR A 312 -10.09 -5.00 3.13
CA THR A 312 -11.40 -5.50 3.49
C THR A 312 -11.45 -7.02 3.32
N ALA A 313 -12.56 -7.62 3.74
CA ALA A 313 -12.65 -9.06 3.62
C ALA A 313 -12.79 -9.49 2.15
N PHE A 314 -13.34 -8.61 1.30
CA PHE A 314 -13.43 -8.89 -0.13
C PHE A 314 -12.37 -8.21 -0.97
N SER A 315 -11.40 -7.54 -0.38
CA SER A 315 -10.30 -6.98 -1.15
C SER A 315 -9.41 -8.06 -1.75
N MET A 316 -8.61 -7.65 -2.74
CA MET A 316 -7.76 -8.58 -3.47
C MET A 316 -6.71 -9.22 -2.55
N TYR A 317 -6.03 -8.42 -1.71
CA TYR A 317 -4.92 -8.98 -0.93
C TYR A 317 -5.38 -10.11 -0.03
N PRO A 318 -6.44 -9.98 0.77
CA PRO A 318 -6.88 -11.14 1.57
C PRO A 318 -7.45 -12.26 0.74
N LYS A 319 -8.16 -11.94 -0.36
CA LYS A 319 -8.73 -13.01 -1.17
C LYS A 319 -7.65 -13.84 -1.87
N LEU A 320 -6.51 -13.21 -2.24
CA LEU A 320 -5.39 -13.99 -2.77
C LEU A 320 -4.85 -14.99 -1.74
N TRP A 321 -4.82 -14.59 -0.46
CA TRP A 321 -4.34 -15.52 0.55
C TRP A 321 -5.37 -16.57 0.88
N GLU A 322 -6.66 -16.24 0.80
CA GLU A 322 -7.69 -17.27 0.99
C GLU A 322 -7.52 -18.39 0.00
N ASN A 323 -7.23 -18.04 -1.26
CA ASN A 323 -7.03 -19.04 -2.29
C ASN A 323 -5.87 -19.97 -1.97
N MET A 324 -4.91 -19.54 -1.15
CA MET A 324 -3.82 -20.40 -0.68
C MET A 324 -4.18 -21.22 0.56
N GLY A 325 -5.37 -21.04 1.12
CA GLY A 325 -5.75 -21.74 2.33
C GLY A 325 -5.64 -20.92 3.60
N LEU A 326 -5.21 -19.66 3.51
CA LEU A 326 -5.02 -18.82 4.67
C LEU A 326 -6.27 -17.98 4.87
N SER A 327 -7.01 -18.26 5.94
CA SER A 327 -8.22 -17.49 6.22
C SER A 327 -7.87 -16.06 6.60
N TYR A 328 -8.85 -15.18 6.38
CA TYR A 328 -8.75 -13.78 6.80
C TYR A 328 -8.38 -13.65 8.27
N PRO A 329 -9.02 -14.36 9.20
CA PRO A 329 -8.53 -14.31 10.60
C PRO A 329 -7.12 -14.86 10.75
N GLU A 330 -6.73 -15.88 9.97
CA GLU A 330 -5.36 -16.39 10.07
C GLU A 330 -4.36 -15.39 9.52
N LEU A 331 -4.74 -14.65 8.46
CA LEU A 331 -3.85 -13.64 7.88
C LEU A 331 -3.58 -12.50 8.86
N ILE A 332 -4.64 -12.01 9.52
CA ILE A 332 -4.49 -10.97 10.53
C ILE A 332 -3.54 -11.41 11.64
N THR A 333 -3.72 -12.65 12.13
CA THR A 333 -2.85 -13.20 13.17
C THR A 333 -1.42 -13.34 12.68
N LYS A 334 -1.23 -13.79 11.44
CA LYS A 334 0.12 -13.88 10.89
C LYS A 334 0.80 -12.50 10.82
N LEU A 335 0.05 -11.46 10.42
CA LEU A 335 0.60 -10.11 10.36
C LEU A 335 1.02 -9.63 11.75
N ILE A 336 0.26 -10.00 12.78
CA ILE A 336 0.63 -9.62 14.15
C ILE A 336 1.88 -10.36 14.61
N GLU A 337 1.99 -11.66 14.28
CA GLU A 337 3.19 -12.39 14.68
C GLU A 337 4.43 -11.82 14.00
N LEU A 338 4.33 -11.54 12.69
CA LEU A 338 5.43 -10.88 11.96
C LEU A 338 5.79 -9.52 12.58
N ALA A 339 4.79 -8.73 12.96
CA ALA A 339 5.08 -7.49 13.68
C ALA A 339 5.87 -7.78 14.97
N LYS A 340 5.44 -8.80 15.73
CA LYS A 340 6.18 -9.17 16.95
C LYS A 340 7.61 -9.55 16.63
N GLU A 341 7.82 -10.29 15.54
CA GLU A 341 9.15 -10.84 15.25
C GLU A 341 10.11 -9.75 14.82
N ARG A 342 9.68 -8.89 13.90
CA ARG A 342 10.48 -7.74 13.48
C ARG A 342 10.85 -6.90 14.68
N HIS A 343 9.88 -6.65 15.56
CA HIS A 343 10.15 -5.84 16.74
C HIS A 343 11.15 -6.51 17.67
N GLN A 344 10.92 -7.78 18.04
CA GLN A 344 11.90 -8.51 18.85
C GLN A 344 13.28 -8.52 18.19
N ASP A 345 13.36 -8.72 16.87
CA ASP A 345 14.66 -8.79 16.23
C ASP A 345 15.44 -7.50 16.37
N LYS A 346 14.78 -6.37 16.62
CA LYS A 346 15.50 -5.10 16.73
C LYS A 346 16.15 -4.89 18.09
N GLN A 347 15.52 -5.29 19.21
CA GLN A 347 16.28 -5.23 20.46
C GLN A 347 17.45 -6.20 20.45
N LYS A 348 17.27 -7.40 19.90
CA LYS A 348 18.41 -8.31 19.76
C LYS A 348 19.58 -7.65 19.02
N ASN A 349 19.29 -6.88 17.97
CA ASN A 349 20.38 -6.14 17.36
C ASN A 349 20.81 -4.94 18.21
N LYS A 350 19.86 -4.09 18.61
CA LYS A 350 20.19 -2.98 19.51
C LYS A 350 20.93 -3.43 20.75
N TYR A 351 20.69 -4.67 21.20
CA TYR A 351 21.48 -5.26 22.27
C TYR A 351 22.88 -5.62 21.80
N LYS A 352 22.99 -6.37 20.71
CA LYS A 352 24.30 -6.83 20.24
C LYS A 352 25.20 -5.68 19.79
N ILE A 353 24.62 -4.54 19.41
CA ILE A 353 25.40 -3.31 19.25
C ILE A 353 26.03 -2.85 20.55
N ASP A 354 25.57 -3.40 21.69
CA ASP A 354 26.00 -2.96 23.02
C ASP A 354 25.66 -1.50 23.21
#